data_5OFN
#
_entry.id   5OFN
#
_cell.length_a   205.052
_cell.length_b   36.348
_cell.length_c   110.941
_cell.angle_alpha   90.00
_cell.angle_beta   96.91
_cell.angle_gamma   90.00
#
_symmetry.space_group_name_H-M   'C 1 2 1'
#
loop_
_entity.id
_entity.type
_entity.pdbx_description
1 polymer 'DNA primase small subunit PriS'
2 polymer 'DNA primase large subunit PriL,PriL-X fusion protein'
3 non-polymer 'ZINC ION'
4 water water
#
loop_
_entity_poly.entity_id
_entity_poly.type
_entity_poly.pdbx_seq_one_letter_code
_entity_poly.pdbx_strand_id
1 'polypeptide(L)'
;MGTFTLHQGQTNLIKSFFRNYYLNAELELPKDMELREFALQPFGSDTYVRHLSFSSSEELRDYLVNRNLPLHLFYSSARY
QLPSARNMEEKAWMGSDLLFDIDADHLCKLRSIRFCPVCGNAVVSEKCERDNVETLEYVEMTSECIKRGLEQTRNLVEIL
EDDFGLKPKVYFSGNRGFHVQVDCYGNCALLDSDERKEIAEYVMGIGVPGYPGGSENAPGWVGRKNRGINGVTIDEQVTI
DVKRLIRIPNSLHGKSGLIVKRVPNLDDFEFNETLSPFTGYTIFLPYITIETEVLGSIIKLNRGIPIKIKSSIGIYLHLR
NLGEVKAYVR
;
A
2 'polypeptide(L)'
;MALDVKKYPFIKSLDDELKKYGGGITLTDLLLNSTTLIDQAKDRIQKTKSGDELPHYVSYNEPVLVFYTTLLSLAILNDV
KLIRRYAYAEAKQFRSLLHTENEENLLEISKLLDLKINRCDPIKFYLEKKRRIIQKEFCVHFIDYLKYTKDLKEDWKLSG
QILHKGYVYLDKNQLIGLIAESIKSKIVEMIRPLNLKEIPEKLKSLIERRGKVEGKFPPQPKKSSDYSWIEKVLEMGLQD
SRKRFILYVASRYLVNVKGVNEDEALQTLKEFYYKLQSGKVYESWLKSVINGVKKKGLLPWSLKRIEERDKEMYNEIIRV
LKNS
;
B,C
#
loop_
_chem_comp.id
_chem_comp.type
_chem_comp.name
_chem_comp.formula
ZN non-polymer 'ZINC ION' 'Zn 2'
#
# COMPACT_ATOMS: atom_id res chain seq x y z
N THR A 11 18.84 5.39 41.58
CA THR A 11 19.37 4.49 40.56
C THR A 11 18.30 3.49 40.11
N ASN A 12 17.94 3.56 38.83
CA ASN A 12 16.92 2.67 38.30
C ASN A 12 17.50 1.27 38.14
N LEU A 13 16.88 0.29 38.79
CA LEU A 13 17.40 -1.07 38.74
C LEU A 13 17.09 -1.74 37.40
N ILE A 14 16.00 -1.34 36.75
CA ILE A 14 15.62 -1.95 35.48
C ILE A 14 16.58 -1.53 34.37
N LYS A 15 17.03 -0.27 34.39
CA LYS A 15 17.96 0.19 33.36
C LYS A 15 19.26 -0.61 33.39
N SER A 16 19.73 -0.99 34.59
CA SER A 16 20.95 -1.75 34.69
C SER A 16 20.79 -3.14 34.07
N PHE A 17 19.62 -3.75 34.23
CA PHE A 17 19.35 -5.03 33.57
C PHE A 17 19.36 -4.86 32.05
N PHE A 18 18.76 -3.77 31.56
CA PHE A 18 18.75 -3.53 30.12
C PHE A 18 20.13 -3.14 29.61
N ARG A 19 20.85 -2.29 30.36
CA ARG A 19 22.20 -1.91 29.97
C ARG A 19 23.11 -3.12 29.89
N ASN A 20 23.00 -4.03 30.86
CA ASN A 20 23.86 -5.22 30.86
C ASN A 20 23.56 -6.12 29.67
N TYR A 21 22.32 -6.12 29.18
CA TYR A 21 21.97 -6.97 28.05
C TYR A 21 22.61 -6.45 26.76
N TYR A 22 22.33 -5.21 26.39
CA TYR A 22 22.80 -4.66 25.13
C TYR A 22 24.32 -4.56 25.05
N LEU A 23 25.02 -4.73 26.17
CA LEU A 23 26.49 -4.75 26.12
C LEU A 23 26.99 -5.99 25.40
N ASN A 24 26.49 -7.16 25.78
CA ASN A 24 26.95 -8.42 25.23
C ASN A 24 26.04 -9.01 24.16
N ALA A 25 24.80 -8.50 24.04
CA ALA A 25 23.84 -9.06 23.11
C ALA A 25 24.14 -8.62 21.68
N GLU A 26 24.01 -9.54 20.74
CA GLU A 26 24.17 -9.27 19.32
C GLU A 26 22.80 -9.22 18.68
N LEU A 27 22.46 -8.08 18.09
CA LEU A 27 21.16 -7.89 17.47
C LEU A 27 21.17 -8.42 16.04
N GLU A 28 19.96 -8.69 15.52
CA GLU A 28 19.77 -9.20 14.16
C GLU A 28 19.48 -8.01 13.26
N LEU A 29 20.55 -7.38 12.77
CA LEU A 29 20.45 -6.21 11.92
C LEU A 29 20.46 -6.60 10.44
N PRO A 30 19.77 -5.84 9.59
CA PRO A 30 19.71 -6.17 8.18
C PRO A 30 21.04 -5.91 7.49
N LYS A 31 21.12 -6.37 6.23
CA LYS A 31 22.34 -6.17 5.45
C LYS A 31 22.54 -4.69 5.13
N ASP A 32 21.56 -4.06 4.49
CA ASP A 32 21.62 -2.64 4.18
C ASP A 32 21.32 -1.83 5.45
N MET A 33 22.27 -1.90 6.38
CA MET A 33 22.07 -1.27 7.68
C MET A 33 22.19 0.25 7.59
N GLU A 34 23.11 0.74 6.76
CA GLU A 34 23.35 2.17 6.65
C GLU A 34 22.26 2.93 5.89
N LEU A 35 21.26 2.23 5.35
CA LEU A 35 20.22 2.85 4.55
C LEU A 35 18.88 2.91 5.28
N ARG A 36 18.85 2.64 6.58
CA ARG A 36 17.61 2.56 7.34
C ARG A 36 17.64 3.51 8.52
N GLU A 37 16.50 4.13 8.80
CA GLU A 37 16.36 5.03 9.94
C GLU A 37 16.17 4.22 11.22
N PHE A 38 16.91 4.60 12.26
CA PHE A 38 16.77 3.97 13.58
C PHE A 38 16.00 4.88 14.52
N ALA A 39 15.18 4.27 15.37
CA ALA A 39 14.39 4.99 16.35
C ALA A 39 14.29 4.18 17.62
N LEU A 40 14.15 4.86 18.75
CA LEU A 40 14.03 4.20 20.04
C LEU A 40 13.17 5.04 20.97
N GLN A 41 12.79 4.45 22.09
CA GLN A 41 12.09 5.15 23.16
C GLN A 41 12.92 5.06 24.43
N PRO A 42 13.44 6.18 24.93
CA PRO A 42 14.31 6.12 26.12
C PRO A 42 13.52 5.81 27.38
N PHE A 43 14.26 5.50 28.44
CA PHE A 43 13.65 5.24 29.73
C PHE A 43 13.11 6.53 30.34
N GLY A 44 11.99 6.41 31.05
CA GLY A 44 11.41 7.55 31.72
C GLY A 44 10.91 8.65 30.80
N SER A 45 10.47 8.29 29.60
CA SER A 45 9.96 9.28 28.65
C SER A 45 9.09 8.57 27.62
N ASP A 46 8.29 9.36 26.91
CA ASP A 46 7.43 8.84 25.87
C ASP A 46 7.68 9.43 24.49
N THR A 47 8.45 10.50 24.39
CA THR A 47 8.78 11.05 23.08
C THR A 47 9.81 10.17 22.40
N TYR A 48 9.62 9.96 21.09
CA TYR A 48 10.46 9.07 20.31
C TYR A 48 11.66 9.82 19.75
N VAL A 49 12.84 9.24 19.89
CA VAL A 49 14.08 9.77 19.33
C VAL A 49 14.36 9.00 18.05
N ARG A 50 14.18 9.65 16.91
CA ARG A 50 14.40 9.01 15.62
C ARG A 50 15.43 9.77 14.80
N HIS A 51 15.41 9.58 13.48
CA HIS A 51 16.34 10.23 12.56
C HIS A 51 17.79 9.90 12.91
N LEU A 52 18.03 8.66 13.32
CA LEU A 52 19.34 8.17 13.67
C LEU A 52 19.88 7.26 12.56
N SER A 53 21.17 7.41 12.25
CA SER A 53 21.81 6.64 11.21
C SER A 53 23.05 5.97 11.78
N PHE A 54 23.14 4.65 11.61
CA PHE A 54 24.27 3.86 12.07
C PHE A 54 24.75 2.96 10.94
N SER A 55 26.06 2.82 10.83
CA SER A 55 26.66 2.09 9.71
C SER A 55 27.18 0.71 10.11
N SER A 56 27.23 0.39 11.40
CA SER A 56 27.70 -0.91 11.85
C SER A 56 27.11 -1.21 13.21
N SER A 57 27.11 -2.49 13.56
CA SER A 57 26.58 -2.93 14.86
C SER A 57 27.42 -2.45 16.03
N GLU A 58 28.65 -1.97 15.78
CA GLU A 58 29.48 -1.47 16.87
C GLU A 58 29.17 -0.01 17.18
N GLU A 59 28.77 0.77 16.18
CA GLU A 59 28.35 2.15 16.43
C GLU A 59 27.00 2.20 17.13
N LEU A 60 26.10 1.26 16.81
CA LEU A 60 24.82 1.18 17.49
C LEU A 60 24.99 0.71 18.93
N ARG A 61 25.87 -0.27 19.15
CA ARG A 61 26.14 -0.73 20.51
C ARG A 61 26.75 0.39 21.35
N ASP A 62 27.57 1.24 20.72
CA ASP A 62 28.13 2.39 21.43
C ASP A 62 27.03 3.37 21.84
N TYR A 63 26.04 3.57 20.98
CA TYR A 63 25.00 4.56 21.24
C TYR A 63 24.03 4.09 22.31
N LEU A 64 23.61 2.83 22.25
CA LEU A 64 22.61 2.33 23.20
C LEU A 64 23.18 2.27 24.61
N VAL A 65 24.46 1.96 24.75
CA VAL A 65 25.04 1.76 26.07
C VAL A 65 25.43 3.09 26.71
N ASN A 66 25.93 4.04 25.92
CA ASN A 66 26.53 5.24 26.47
C ASN A 66 25.74 6.52 26.20
N ARG A 67 24.84 6.52 25.21
CA ARG A 67 24.14 7.75 24.82
C ARG A 67 22.66 7.72 25.21
N ASN A 68 21.90 6.73 24.73
CA ASN A 68 20.46 6.66 25.01
C ASN A 68 20.07 5.20 25.10
N LEU A 69 19.79 4.73 26.32
CA LEU A 69 19.38 3.34 26.50
C LEU A 69 17.94 3.16 26.04
N PRO A 70 17.67 2.17 25.19
CA PRO A 70 16.31 2.02 24.64
C PRO A 70 15.39 1.14 25.47
N LEU A 71 14.26 1.69 25.92
CA LEU A 71 13.19 0.85 26.43
C LEU A 71 12.53 0.09 25.29
N HIS A 72 12.36 0.74 24.15
CA HIS A 72 11.96 0.11 22.91
C HIS A 72 12.96 0.49 21.83
N LEU A 73 13.23 -0.44 20.91
CA LEU A 73 14.22 -0.21 19.86
C LEU A 73 13.66 -0.68 18.53
N PHE A 74 13.67 0.21 17.53
CA PHE A 74 13.12 -0.08 16.23
C PHE A 74 14.11 0.32 15.14
N TYR A 75 13.89 -0.22 13.94
CA TYR A 75 14.55 0.23 12.74
C TYR A 75 13.52 0.27 11.61
N SER A 76 13.65 1.26 10.73
CA SER A 76 12.63 1.50 9.72
C SER A 76 12.57 0.36 8.71
N SER A 77 11.35 0.02 8.29
CA SER A 77 11.17 -0.99 7.25
C SER A 77 11.56 -0.45 5.88
N ALA A 78 11.56 0.86 5.70
CA ALA A 78 11.89 1.46 4.42
C ALA A 78 13.38 1.80 4.36
N ARG A 79 13.95 1.66 3.17
CA ARG A 79 15.33 2.04 2.92
C ARG A 79 15.37 3.49 2.44
N TYR A 80 16.34 4.25 2.96
CA TYR A 80 16.50 5.65 2.62
C TYR A 80 17.95 5.92 2.25
N GLN A 81 18.15 6.68 1.17
CA GLN A 81 19.49 7.10 0.80
C GLN A 81 20.02 8.19 1.73
N LEU A 82 19.15 8.93 2.40
CA LEU A 82 19.53 9.88 3.44
C LEU A 82 18.63 9.59 4.64
N PRO A 83 19.02 8.64 5.49
CA PRO A 83 18.10 8.20 6.55
C PRO A 83 17.87 9.24 7.63
N SER A 84 18.89 10.00 8.01
CA SER A 84 18.79 10.96 9.10
C SER A 84 18.35 12.34 8.64
N ALA A 85 17.37 12.41 7.76
CA ALA A 85 16.81 13.67 7.28
C ALA A 85 15.37 13.79 7.71
N ARG A 86 15.00 14.97 8.21
CA ARG A 86 13.65 15.23 8.71
C ARG A 86 12.67 15.58 7.59
N ASN A 87 13.11 16.35 6.60
CA ASN A 87 12.29 16.58 5.42
C ASN A 87 12.00 15.25 4.73
N MET A 88 10.72 14.98 4.49
CA MET A 88 10.31 13.65 4.03
C MET A 88 10.93 13.32 2.68
N GLU A 89 10.73 14.19 1.69
CA GLU A 89 11.29 13.93 0.37
C GLU A 89 12.81 13.97 0.37
N GLU A 90 13.43 14.62 1.36
CA GLU A 90 14.88 14.60 1.46
C GLU A 90 15.42 13.26 1.90
N LYS A 91 14.58 12.42 2.51
CA LYS A 91 15.01 11.08 2.91
C LYS A 91 15.27 10.17 1.72
N ALA A 92 14.71 10.49 0.55
CA ALA A 92 14.87 9.69 -0.66
C ALA A 92 14.38 8.26 -0.44
N TRP A 93 13.06 8.07 -0.46
CA TRP A 93 12.48 6.75 -0.29
C TRP A 93 12.82 5.87 -1.49
N MET A 94 13.29 4.64 -1.21
CA MET A 94 13.70 3.73 -2.27
C MET A 94 13.22 2.31 -2.01
N GLY A 95 12.05 2.16 -1.41
CA GLY A 95 11.49 0.84 -1.21
C GLY A 95 11.39 0.48 0.26
N SER A 96 10.45 -0.42 0.57
CA SER A 96 10.23 -0.86 1.93
C SER A 96 9.80 -2.31 1.93
N ASP A 97 10.06 -2.99 3.05
CA ASP A 97 9.68 -4.40 3.17
C ASP A 97 8.18 -4.53 3.44
N LEU A 98 7.67 -5.73 3.18
CA LEU A 98 6.27 -6.05 3.43
C LEU A 98 6.13 -6.60 4.85
N LEU A 99 5.19 -6.03 5.61
CA LEU A 99 5.06 -6.35 7.03
C LEU A 99 3.65 -6.84 7.34
N PHE A 100 3.56 -7.64 8.41
CA PHE A 100 2.29 -8.12 8.92
C PHE A 100 2.40 -8.23 10.44
N ASP A 101 1.41 -7.70 11.14
CA ASP A 101 1.37 -7.74 12.60
C ASP A 101 0.06 -8.38 13.05
N ILE A 102 0.17 -9.35 13.95
CA ILE A 102 -0.99 -10.06 14.48
C ILE A 102 -1.15 -9.67 15.95
N ASP A 103 -2.21 -8.91 16.23
CA ASP A 103 -2.45 -8.41 17.58
C ASP A 103 -3.38 -9.34 18.35
N ALA A 104 -3.21 -9.34 19.67
CA ALA A 104 -4.09 -10.07 20.57
C ALA A 104 -5.27 -9.23 21.05
N ASP A 105 -5.41 -8.00 20.54
CA ASP A 105 -6.55 -7.17 20.93
C ASP A 105 -7.86 -7.79 20.46
N HIS A 106 -7.90 -8.22 19.19
CA HIS A 106 -9.12 -8.80 18.65
C HIS A 106 -9.29 -10.27 19.03
N LEU A 107 -8.18 -10.96 19.33
CA LEU A 107 -8.21 -12.40 19.51
C LEU A 107 -8.84 -12.83 20.83
N CYS A 108 -8.02 -12.93 21.88
CA CYS A 108 -8.44 -13.63 23.08
C CYS A 108 -9.26 -12.75 24.02
N LYS A 109 -8.91 -11.47 24.13
CA LYS A 109 -9.45 -10.56 25.14
C LYS A 109 -9.18 -11.10 26.55
N LEU A 110 -8.20 -10.52 27.21
CA LEU A 110 -7.65 -11.07 28.44
C LEU A 110 -8.22 -10.37 29.67
N ARG A 111 -7.92 -10.93 30.84
CA ARG A 111 -8.24 -10.28 32.10
C ARG A 111 -7.41 -9.00 32.24
N SER A 112 -8.04 -7.97 32.80
CA SER A 112 -7.36 -6.67 32.96
C SER A 112 -7.89 -5.99 34.20
N ILE A 113 -7.00 -5.66 35.12
CA ILE A 113 -7.36 -4.94 36.34
C ILE A 113 -6.69 -3.58 36.32
N ARG A 114 -7.32 -2.62 37.00
CA ARG A 114 -6.77 -1.28 37.18
C ARG A 114 -6.86 -0.94 38.67
N PHE A 115 -5.73 -0.60 39.27
CA PHE A 115 -5.64 -0.43 40.72
C PHE A 115 -4.80 0.79 41.03
N CYS A 116 -4.68 1.10 42.32
CA CYS A 116 -3.81 2.13 42.85
C CYS A 116 -2.58 1.48 43.48
N PRO A 117 -1.37 1.89 43.12
CA PRO A 117 -0.17 1.24 43.67
C PRO A 117 0.07 1.50 45.15
N VAL A 118 -0.75 2.32 45.79
CA VAL A 118 -0.56 2.65 47.20
C VAL A 118 -1.53 1.87 48.07
N CYS A 119 -2.83 2.14 47.91
CA CYS A 119 -3.83 1.50 48.76
C CYS A 119 -4.17 0.09 48.30
N GLY A 120 -4.10 -0.17 47.00
CA GLY A 120 -4.36 -1.50 46.47
C GLY A 120 -5.79 -1.75 46.03
N ASN A 121 -6.71 -0.84 46.31
CA ASN A 121 -8.09 -1.02 45.88
C ASN A 121 -8.21 -0.84 44.38
N ALA A 122 -9.21 -1.51 43.80
CA ALA A 122 -9.47 -1.40 42.37
C ALA A 122 -10.10 -0.05 42.06
N VAL A 123 -9.48 0.72 41.16
CA VAL A 123 -9.93 2.05 40.81
C VAL A 123 -10.07 2.13 39.29
N VAL A 124 -11.19 2.65 38.83
CA VAL A 124 -11.41 2.81 37.40
C VAL A 124 -10.88 4.15 36.89
N SER A 125 -10.95 5.20 37.69
CA SER A 125 -10.61 6.54 37.24
C SER A 125 -9.10 6.65 37.00
N GLU A 126 -8.69 7.84 36.54
CA GLU A 126 -7.28 8.08 36.25
C GLU A 126 -6.44 8.12 37.52
N LYS A 127 -6.97 8.69 38.59
CA LYS A 127 -6.25 8.82 39.85
C LYS A 127 -7.10 8.26 40.99
N CYS A 128 -6.41 7.69 41.98
CA CYS A 128 -7.08 7.28 43.21
C CYS A 128 -7.47 8.52 44.01
N GLU A 129 -8.71 8.53 44.50
CA GLU A 129 -9.20 9.71 45.21
C GLU A 129 -8.55 9.85 46.58
N ARG A 130 -8.11 8.75 47.18
CA ARG A 130 -7.47 8.82 48.50
C ARG A 130 -6.06 9.36 48.40
N ASP A 131 -5.23 8.72 47.57
CA ASP A 131 -3.78 8.94 47.60
C ASP A 131 -3.29 9.94 46.56
N ASN A 132 -4.11 10.29 45.56
CA ASN A 132 -3.74 11.25 44.52
C ASN A 132 -2.52 10.77 43.74
N VAL A 133 -2.60 9.54 43.23
CA VAL A 133 -1.54 8.95 42.44
C VAL A 133 -2.13 8.40 41.14
N GLU A 134 -1.28 8.24 40.13
CA GLU A 134 -1.71 7.68 38.86
C GLU A 134 -2.00 6.19 39.02
N THR A 135 -3.13 5.75 38.50
CA THR A 135 -3.49 4.34 38.57
C THR A 135 -2.74 3.53 37.53
N LEU A 136 -2.50 2.26 37.84
CA LEU A 136 -1.80 1.35 36.95
C LEU A 136 -2.73 0.26 36.46
N GLU A 137 -2.37 -0.32 35.31
CA GLU A 137 -3.17 -1.35 34.67
C GLU A 137 -2.32 -2.58 34.42
N TYR A 138 -2.90 -3.75 34.65
CA TYR A 138 -2.24 -5.03 34.43
C TYR A 138 -3.08 -5.87 33.47
N VAL A 139 -2.47 -6.31 32.38
CA VAL A 139 -3.14 -7.14 31.38
C VAL A 139 -2.51 -8.54 31.45
N GLU A 140 -3.32 -9.51 31.85
CA GLU A 140 -2.84 -10.88 32.04
C GLU A 140 -2.66 -11.56 30.68
N MET A 141 -1.41 -11.71 30.26
CA MET A 141 -1.09 -12.40 29.02
C MET A 141 -0.93 -13.88 29.31
N THR A 142 -1.88 -14.69 28.85
CA THR A 142 -1.88 -16.12 29.09
C THR A 142 -1.32 -16.87 27.88
N SER A 143 -0.75 -18.05 28.15
CA SER A 143 -0.21 -18.87 27.09
C SER A 143 -1.31 -19.43 26.17
N GLU A 144 -2.55 -19.48 26.65
CA GLU A 144 -3.65 -19.87 25.77
C GLU A 144 -3.90 -18.82 24.69
N CYS A 145 -3.68 -17.54 25.02
CA CYS A 145 -3.79 -16.49 24.01
C CYS A 145 -2.69 -16.62 22.97
N ILE A 146 -1.48 -16.99 23.40
CA ILE A 146 -0.38 -17.21 22.45
C ILE A 146 -0.70 -18.38 21.54
N LYS A 147 -1.39 -19.40 22.07
CA LYS A 147 -1.77 -20.54 21.24
C LYS A 147 -2.77 -20.12 20.16
N ARG A 148 -3.74 -19.28 20.52
CA ARG A 148 -4.68 -18.76 19.53
C ARG A 148 -3.98 -17.90 18.50
N GLY A 149 -3.11 -16.99 18.96
CA GLY A 149 -2.37 -16.14 18.03
C GLY A 149 -1.42 -16.93 17.15
N LEU A 150 -0.93 -18.06 17.65
CA LEU A 150 -0.02 -18.89 16.86
C LEU A 150 -0.73 -19.57 15.70
N GLU A 151 -2.06 -19.74 15.79
CA GLU A 151 -2.81 -20.29 14.65
C GLU A 151 -2.85 -19.31 13.49
N GLN A 152 -2.92 -18.01 13.78
CA GLN A 152 -3.05 -17.02 12.72
C GLN A 152 -1.73 -16.86 11.96
N THR A 153 -0.60 -16.89 12.65
CA THR A 153 0.69 -16.83 11.97
C THR A 153 0.94 -18.06 11.12
N ARG A 154 0.34 -19.20 11.46
CA ARG A 154 0.49 -20.39 10.63
C ARG A 154 -0.31 -20.28 9.34
N ASN A 155 -1.53 -19.75 9.43
CA ASN A 155 -2.33 -19.52 8.23
C ASN A 155 -1.79 -18.37 7.40
N LEU A 156 -1.19 -17.36 8.07
CA LEU A 156 -0.62 -16.23 7.34
C LEU A 156 0.60 -16.65 6.53
N VAL A 157 1.49 -17.42 7.15
CA VAL A 157 2.66 -17.92 6.43
C VAL A 157 2.23 -18.84 5.29
N GLU A 158 1.16 -19.61 5.51
CA GLU A 158 0.65 -20.50 4.47
C GLU A 158 0.19 -19.70 3.25
N ILE A 159 -0.49 -18.57 3.49
CA ILE A 159 -0.96 -17.76 2.37
C ILE A 159 0.20 -17.08 1.66
N LEU A 160 1.17 -16.58 2.42
CA LEU A 160 2.30 -15.88 1.81
C LEU A 160 3.23 -16.82 1.04
N GLU A 161 3.19 -18.12 1.35
CA GLU A 161 4.05 -19.09 0.67
C GLU A 161 3.34 -19.85 -0.45
N ASP A 162 2.04 -20.09 -0.33
CA ASP A 162 1.31 -20.87 -1.32
C ASP A 162 0.51 -20.01 -2.30
N ASP A 163 0.22 -18.75 -1.96
CA ASP A 163 -0.53 -17.88 -2.85
C ASP A 163 0.31 -16.76 -3.44
N PHE A 164 1.42 -16.37 -2.79
CA PHE A 164 2.28 -15.31 -3.29
C PHE A 164 3.70 -15.76 -3.61
N GLY A 165 4.09 -16.96 -3.21
CA GLY A 165 5.45 -17.41 -3.47
C GLY A 165 6.51 -16.67 -2.69
N LEU A 166 6.12 -15.96 -1.62
CA LEU A 166 7.07 -15.21 -0.83
C LEU A 166 7.73 -16.11 0.22
N LYS A 167 8.82 -15.62 0.81
CA LYS A 167 9.59 -16.35 1.80
C LYS A 167 9.61 -15.53 3.09
N PRO A 168 8.57 -15.65 3.91
CA PRO A 168 8.46 -14.80 5.10
C PRO A 168 9.22 -15.36 6.30
N LYS A 169 9.53 -14.45 7.23
CA LYS A 169 10.13 -14.79 8.50
C LYS A 169 9.14 -14.50 9.63
N VAL A 170 9.22 -15.31 10.69
CA VAL A 170 8.32 -15.19 11.83
C VAL A 170 9.14 -14.74 13.04
N TYR A 171 8.61 -13.75 13.77
CA TYR A 171 9.25 -13.25 14.97
C TYR A 171 8.22 -13.16 16.09
N PHE A 172 8.69 -13.31 17.32
CA PHE A 172 7.86 -13.05 18.49
C PHE A 172 7.89 -11.57 18.80
N SER A 173 6.70 -10.95 18.92
CA SER A 173 6.62 -9.51 19.09
C SER A 173 7.30 -9.02 20.36
N GLY A 174 7.56 -9.92 21.32
CA GLY A 174 8.11 -9.54 22.60
C GLY A 174 7.09 -9.31 23.68
N ASN A 175 5.79 -9.33 23.35
CA ASN A 175 4.76 -9.07 24.34
C ASN A 175 3.52 -9.93 24.08
N ARG A 176 2.69 -9.52 23.12
CA ARG A 176 1.36 -10.10 22.96
C ARG A 176 1.21 -10.98 21.73
N GLY A 177 1.78 -10.61 20.58
CA GLY A 177 1.54 -11.30 19.34
C GLY A 177 2.82 -11.73 18.65
N PHE A 178 2.74 -11.79 17.32
CA PHE A 178 3.85 -12.19 16.46
C PHE A 178 4.00 -11.19 15.33
N HIS A 179 5.12 -11.30 14.62
N HIS A 179 5.12 -11.31 14.61
CA HIS A 179 5.43 -10.47 13.46
CA HIS A 179 5.40 -10.47 13.46
C HIS A 179 5.83 -11.37 12.29
C HIS A 179 5.87 -11.33 12.29
N VAL A 180 5.37 -11.01 11.10
CA VAL A 180 5.73 -11.71 9.87
C VAL A 180 6.31 -10.70 8.91
N GLN A 181 7.57 -10.91 8.52
CA GLN A 181 8.30 -9.96 7.70
C GLN A 181 8.80 -10.66 6.44
N VAL A 182 8.61 -10.01 5.29
CA VAL A 182 9.07 -10.52 4.00
C VAL A 182 10.11 -9.54 3.47
N ASP A 183 11.38 -9.95 3.51
CA ASP A 183 12.46 -9.12 2.99
C ASP A 183 12.44 -9.18 1.47
N CYS A 184 12.22 -8.03 0.83
CA CYS A 184 12.11 -7.95 -0.62
C CYS A 184 12.95 -6.79 -1.14
N TYR A 185 13.63 -7.03 -2.27
CA TYR A 185 14.51 -6.04 -2.88
C TYR A 185 14.08 -5.60 -4.26
N GLY A 186 13.26 -6.38 -4.97
CA GLY A 186 12.87 -6.02 -6.32
C GLY A 186 11.62 -5.16 -6.38
N ASN A 187 10.68 -5.52 -7.25
CA ASN A 187 9.46 -4.74 -7.39
C ASN A 187 8.49 -4.95 -6.22
N CYS A 188 8.70 -6.00 -5.41
CA CYS A 188 7.85 -6.24 -4.25
C CYS A 188 7.98 -5.14 -3.21
N ALA A 189 9.11 -4.42 -3.20
CA ALA A 189 9.35 -3.37 -2.22
C ALA A 189 8.86 -2.00 -2.68
N LEU A 190 8.47 -1.86 -3.94
CA LEU A 190 7.98 -0.59 -4.47
C LEU A 190 6.45 -0.53 -4.54
N LEU A 191 5.76 -1.43 -3.86
CA LEU A 191 4.30 -1.43 -3.87
C LEU A 191 3.76 -0.19 -3.17
N ASP A 192 2.69 0.37 -3.73
CA ASP A 192 2.09 1.56 -3.16
C ASP A 192 1.38 1.22 -1.86
N SER A 193 0.86 2.25 -1.18
CA SER A 193 0.09 2.03 0.02
C SER A 193 -1.25 1.36 -0.29
N ASP A 194 -1.82 1.63 -1.46
CA ASP A 194 -3.06 0.97 -1.88
C ASP A 194 -2.81 -0.39 -2.50
N GLU A 195 -1.63 -0.63 -3.06
CA GLU A 195 -1.29 -1.96 -3.55
C GLU A 195 -0.95 -2.92 -2.41
N ARG A 196 -0.65 -2.40 -1.22
CA ARG A 196 -0.48 -3.22 -0.04
C ARG A 196 -1.79 -3.49 0.68
N LYS A 197 -2.82 -2.66 0.46
CA LYS A 197 -4.11 -2.89 1.09
C LYS A 197 -4.89 -3.99 0.38
N GLU A 198 -4.71 -4.14 -0.94
CA GLU A 198 -5.30 -5.27 -1.63
C GLU A 198 -4.67 -6.58 -1.19
N ILE A 199 -3.41 -6.54 -0.75
CA ILE A 199 -2.76 -7.72 -0.19
C ILE A 199 -3.26 -7.99 1.21
N ALA A 200 -3.45 -6.92 2.00
CA ALA A 200 -3.93 -7.09 3.37
C ALA A 200 -5.35 -7.64 3.40
N GLU A 201 -6.25 -7.02 2.62
CA GLU A 201 -7.63 -7.48 2.59
C GLU A 201 -7.77 -8.85 1.93
N TYR A 202 -6.79 -9.25 1.11
CA TYR A 202 -6.78 -10.63 0.61
C TYR A 202 -6.44 -11.61 1.72
N VAL A 203 -5.50 -11.25 2.59
CA VAL A 203 -5.13 -12.11 3.71
C VAL A 203 -6.26 -12.19 4.72
N MET A 204 -6.91 -11.05 4.99
CA MET A 204 -8.02 -11.00 5.94
C MET A 204 -9.30 -11.61 5.40
N GLY A 205 -9.37 -11.89 4.09
CA GLY A 205 -10.57 -12.44 3.51
C GLY A 205 -11.72 -11.47 3.42
N ILE A 206 -11.42 -10.19 3.20
CA ILE A 206 -12.45 -9.15 3.12
C ILE A 206 -13.31 -9.38 1.88
N GLY A 207 -12.76 -9.06 0.71
CA GLY A 207 -13.45 -9.27 -0.54
C GLY A 207 -13.52 -10.70 -1.02
N VAL A 208 -12.86 -11.62 -0.32
CA VAL A 208 -12.85 -13.03 -0.69
C VAL A 208 -14.25 -13.60 -0.55
N PRO A 209 -14.90 -14.02 -1.63
CA PRO A 209 -16.23 -14.62 -1.51
C PRO A 209 -16.15 -16.03 -0.96
N GLY A 210 -17.26 -16.45 -0.36
CA GLY A 210 -17.37 -17.82 0.12
C GLY A 210 -17.47 -18.77 -1.06
N TYR A 211 -16.50 -19.68 -1.18
CA TYR A 211 -16.55 -20.73 -2.19
C TYR A 211 -17.15 -21.97 -1.54
N PRO A 212 -18.46 -22.18 -1.65
CA PRO A 212 -19.13 -23.15 -0.76
C PRO A 212 -18.97 -24.60 -1.19
N GLY A 213 -18.62 -24.87 -2.45
CA GLY A 213 -18.55 -26.24 -2.91
C GLY A 213 -17.25 -26.61 -3.59
N GLY A 214 -16.14 -26.00 -3.15
CA GLY A 214 -14.86 -26.30 -3.73
C GLY A 214 -14.14 -27.46 -3.06
N SER A 215 -13.11 -27.96 -3.72
CA SER A 215 -12.31 -29.04 -3.18
C SER A 215 -11.31 -28.49 -2.15
N GLU A 216 -10.89 -29.38 -1.25
CA GLU A 216 -9.86 -29.02 -0.28
C GLU A 216 -8.47 -28.94 -0.91
N ASN A 217 -8.31 -29.43 -2.15
CA ASN A 217 -7.05 -29.34 -2.87
C ASN A 217 -7.03 -28.20 -3.87
N ALA A 218 -8.09 -27.39 -3.93
CA ALA A 218 -8.15 -26.28 -4.87
C ALA A 218 -7.14 -25.21 -4.47
N PRO A 219 -6.60 -24.47 -5.45
CA PRO A 219 -5.62 -23.43 -5.14
C PRO A 219 -6.29 -22.17 -4.59
N GLY A 220 -5.46 -21.33 -3.98
CA GLY A 220 -5.94 -20.05 -3.49
C GLY A 220 -6.91 -20.20 -2.34
N TRP A 221 -7.90 -19.32 -2.31
CA TRP A 221 -8.90 -19.33 -1.25
C TRP A 221 -9.99 -20.36 -1.45
N VAL A 222 -10.14 -20.90 -2.67
CA VAL A 222 -11.17 -21.90 -2.91
C VAL A 222 -10.92 -23.15 -2.06
N GLY A 223 -9.66 -23.63 -2.07
CA GLY A 223 -9.31 -24.76 -1.24
C GLY A 223 -9.15 -24.42 0.22
N ARG A 224 -8.87 -23.16 0.55
CA ARG A 224 -8.68 -22.78 1.94
C ARG A 224 -10.01 -22.51 2.65
N LYS A 225 -11.00 -21.98 1.93
CA LYS A 225 -12.32 -21.75 2.53
C LYS A 225 -13.02 -23.06 2.85
N ASN A 226 -12.74 -24.12 2.10
CA ASN A 226 -13.37 -25.42 2.34
C ASN A 226 -12.64 -26.27 3.35
N ARG A 227 -11.41 -25.89 3.73
CA ARG A 227 -10.70 -26.55 4.81
C ARG A 227 -11.11 -26.03 6.18
N GLY A 228 -12.11 -25.16 6.25
CA GLY A 228 -12.57 -24.59 7.50
C GLY A 228 -11.88 -23.31 7.91
N ILE A 229 -10.88 -22.86 7.16
CA ILE A 229 -10.11 -21.67 7.51
C ILE A 229 -10.79 -20.46 6.90
N ASN A 230 -11.05 -19.44 7.72
CA ASN A 230 -11.55 -18.16 7.24
C ASN A 230 -10.40 -17.17 7.09
N GLY A 231 -10.67 -15.89 7.30
CA GLY A 231 -9.65 -14.87 7.17
C GLY A 231 -8.65 -14.89 8.32
N VAL A 232 -7.56 -14.16 8.11
CA VAL A 232 -6.49 -14.02 9.10
C VAL A 232 -6.67 -12.69 9.83
N THR A 233 -6.60 -12.74 11.16
CA THR A 233 -6.81 -11.55 11.99
C THR A 233 -5.47 -10.84 12.16
N ILE A 234 -5.30 -9.72 11.45
CA ILE A 234 -4.08 -8.94 11.51
C ILE A 234 -4.42 -7.49 11.80
N ASP A 235 -3.43 -6.76 12.29
CA ASP A 235 -3.51 -5.31 12.43
C ASP A 235 -3.19 -4.72 11.06
N GLU A 236 -4.24 -4.52 10.25
CA GLU A 236 -4.05 -4.15 8.86
C GLU A 236 -3.38 -2.79 8.67
N GLN A 237 -3.30 -1.97 9.71
CA GLN A 237 -2.65 -0.67 9.57
C GLN A 237 -1.15 -0.82 9.37
N VAL A 238 -0.55 -1.92 9.85
CA VAL A 238 0.88 -2.13 9.69
C VAL A 238 1.20 -2.43 8.23
N THR A 239 0.33 -3.18 7.56
CA THR A 239 0.58 -3.55 6.17
C THR A 239 0.32 -2.38 5.22
N ILE A 240 -0.65 -1.51 5.55
CA ILE A 240 -0.95 -0.38 4.68
C ILE A 240 0.19 0.63 4.69
N ASP A 241 0.77 0.89 5.87
CA ASP A 241 1.84 1.87 5.99
C ASP A 241 3.06 1.43 5.20
N VAL A 242 3.51 2.29 4.28
CA VAL A 242 4.73 2.00 3.52
C VAL A 242 5.98 2.43 4.26
N LYS A 243 5.83 3.15 5.38
CA LYS A 243 6.95 3.60 6.21
C LYS A 243 6.65 3.16 7.64
N ARG A 244 7.20 2.01 8.02
CA ARG A 244 6.95 1.43 9.34
C ARG A 244 8.26 1.22 10.08
N LEU A 245 8.16 1.18 11.41
CA LEU A 245 9.30 0.92 12.28
C LEU A 245 9.23 -0.53 12.75
N ILE A 246 10.12 -1.37 12.23
CA ILE A 246 10.22 -2.76 12.66
C ILE A 246 10.98 -2.79 13.99
N ARG A 247 10.44 -3.51 14.96
CA ARG A 247 11.18 -3.73 16.20
C ARG A 247 12.38 -4.62 15.92
N ILE A 248 13.56 -4.18 16.36
CA ILE A 248 14.79 -4.91 16.03
C ILE A 248 14.74 -6.29 16.68
N PRO A 249 14.97 -7.37 15.92
CA PRO A 249 15.06 -8.70 16.54
C PRO A 249 16.22 -8.77 17.53
N ASN A 250 16.11 -9.72 18.46
CA ASN A 250 16.99 -9.93 19.61
C ASN A 250 17.07 -8.73 20.56
N SER A 251 16.25 -7.70 20.38
CA SER A 251 16.19 -6.61 21.33
C SER A 251 15.19 -6.94 22.43
N LEU A 252 15.00 -6.02 23.38
CA LEU A 252 14.11 -6.22 24.50
C LEU A 252 12.85 -5.39 24.34
N HIS A 253 11.70 -5.99 24.67
CA HIS A 253 10.44 -5.27 24.70
C HIS A 253 10.36 -4.41 25.95
N GLY A 254 9.64 -3.29 25.85
CA GLY A 254 9.56 -2.36 26.96
C GLY A 254 8.51 -2.70 28.00
N LYS A 255 7.55 -3.55 27.65
CA LYS A 255 6.45 -3.90 28.54
C LYS A 255 6.49 -5.35 28.97
N SER A 256 7.66 -6.00 28.89
CA SER A 256 7.80 -7.38 29.32
C SER A 256 9.26 -7.73 29.54
N GLY A 257 10.15 -7.11 28.79
CA GLY A 257 11.57 -7.42 28.90
C GLY A 257 11.97 -8.73 28.26
N LEU A 258 11.22 -9.18 27.26
CA LEU A 258 11.51 -10.43 26.58
C LEU A 258 12.27 -10.17 25.27
N ILE A 259 12.96 -11.20 24.81
CA ILE A 259 13.76 -11.10 23.59
C ILE A 259 12.84 -11.22 22.38
N VAL A 260 13.00 -10.32 21.41
CA VAL A 260 12.32 -10.42 20.14
C VAL A 260 12.97 -11.54 19.34
N LYS A 261 12.57 -12.78 19.62
CA LYS A 261 13.24 -13.96 19.08
C LYS A 261 12.58 -14.40 17.78
N ARG A 262 13.41 -14.64 16.76
CA ARG A 262 12.91 -15.22 15.52
C ARG A 262 12.46 -16.65 15.76
N VAL A 263 11.31 -17.01 15.21
CA VAL A 263 10.76 -18.35 15.36
C VAL A 263 11.05 -19.16 14.10
N PRO A 264 12.08 -20.01 14.09
CA PRO A 264 12.35 -20.79 12.88
C PRO A 264 11.32 -21.87 12.62
N ASN A 265 10.72 -22.43 13.68
CA ASN A 265 9.69 -23.44 13.54
C ASN A 265 8.58 -23.14 14.54
N LEU A 266 7.37 -22.92 14.03
CA LEU A 266 6.23 -22.55 14.87
C LEU A 266 5.78 -23.68 15.79
N ASP A 267 6.25 -24.90 15.58
CA ASP A 267 5.74 -26.04 16.35
C ASP A 267 6.37 -26.11 17.74
N ASP A 268 7.66 -25.81 17.85
CA ASP A 268 8.37 -25.88 19.12
C ASP A 268 8.62 -24.49 19.71
N PHE A 269 7.59 -23.65 19.69
CA PHE A 269 7.63 -22.35 20.35
C PHE A 269 6.87 -22.45 21.67
N GLU A 270 7.56 -22.15 22.77
CA GLU A 270 6.97 -22.22 24.10
C GLU A 270 7.03 -20.85 24.75
N PHE A 271 5.95 -20.50 25.45
CA PHE A 271 5.84 -19.20 26.13
C PHE A 271 6.17 -19.41 27.61
N ASN A 272 7.46 -19.41 27.91
CA ASN A 272 7.93 -19.61 29.27
C ASN A 272 9.04 -18.60 29.56
N GLU A 273 9.86 -18.88 30.57
CA GLU A 273 10.88 -17.95 31.02
C GLU A 273 12.12 -17.92 30.13
N THR A 274 12.22 -18.82 29.15
CA THR A 274 13.38 -18.83 28.26
C THR A 274 13.43 -17.61 27.36
N LEU A 275 12.30 -16.92 27.16
CA LEU A 275 12.28 -15.72 26.35
C LEU A 275 12.98 -14.55 27.02
N SER A 276 13.12 -14.57 28.35
CA SER A 276 13.80 -13.50 29.06
C SER A 276 15.26 -13.85 29.26
N PRO A 277 16.19 -12.95 28.92
CA PRO A 277 17.62 -13.28 29.04
C PRO A 277 18.20 -13.09 30.44
N PHE A 278 17.46 -12.49 31.37
CA PHE A 278 17.99 -12.16 32.67
C PHE A 278 18.06 -13.40 33.55
N THR A 279 19.18 -13.58 34.23
CA THR A 279 19.39 -14.67 35.17
C THR A 279 19.49 -14.10 36.59
N GLY A 280 19.58 -15.00 37.56
CA GLY A 280 19.63 -14.60 38.95
C GLY A 280 18.25 -14.52 39.58
N TYR A 281 18.21 -13.85 40.73
CA TYR A 281 16.97 -13.71 41.49
C TYR A 281 16.79 -12.26 41.91
N THR A 282 15.53 -11.86 42.05
CA THR A 282 15.18 -10.50 42.45
C THR A 282 14.18 -10.55 43.59
N ILE A 283 14.21 -9.51 44.42
CA ILE A 283 13.24 -9.35 45.50
C ILE A 283 12.11 -8.48 44.97
N PHE A 284 10.93 -9.07 44.78
CA PHE A 284 9.80 -8.42 44.15
C PHE A 284 8.77 -8.03 45.18
N LEU A 285 8.37 -6.75 45.18
CA LEU A 285 7.36 -6.24 46.09
C LEU A 285 6.07 -6.01 45.33
N PRO A 286 5.08 -6.91 45.44
CA PRO A 286 3.86 -6.77 44.64
C PRO A 286 3.00 -5.62 45.11
N TYR A 287 2.12 -5.16 44.20
CA TYR A 287 1.13 -4.14 44.50
C TYR A 287 -0.19 -4.75 44.96
N ILE A 288 -0.60 -5.87 44.36
CA ILE A 288 -1.93 -6.43 44.55
C ILE A 288 -1.81 -7.92 44.86
N THR A 289 -2.77 -8.43 45.61
CA THR A 289 -2.94 -9.88 45.78
C THR A 289 -3.70 -10.40 44.56
N ILE A 290 -3.03 -11.19 43.72
CA ILE A 290 -3.63 -11.71 42.50
C ILE A 290 -3.14 -13.13 42.27
N GLU A 291 -4.02 -13.98 41.74
CA GLU A 291 -3.70 -15.35 41.36
C GLU A 291 -3.74 -15.42 39.84
N THR A 292 -2.63 -15.03 39.21
CA THR A 292 -2.56 -14.86 37.77
C THR A 292 -1.56 -15.83 37.16
N GLU A 293 -1.73 -16.05 35.86
CA GLU A 293 -0.80 -16.87 35.07
C GLU A 293 0.25 -15.96 34.45
N VAL A 294 1.52 -16.28 34.68
CA VAL A 294 2.65 -15.46 34.22
C VAL A 294 3.66 -16.37 33.55
N LEU A 295 3.88 -16.16 32.24
CA LEU A 295 4.89 -16.88 31.47
C LEU A 295 4.69 -18.39 31.53
N GLY A 296 3.43 -18.82 31.53
CA GLY A 296 3.11 -20.23 31.44
C GLY A 296 2.81 -20.92 32.76
N SER A 297 2.91 -20.22 33.89
CA SER A 297 2.65 -20.82 35.19
C SER A 297 1.88 -19.84 36.07
N ILE A 298 1.13 -20.40 37.02
CA ILE A 298 0.29 -19.62 37.91
C ILE A 298 1.14 -19.14 39.10
N ILE A 299 1.02 -17.86 39.43
CA ILE A 299 1.73 -17.26 40.55
C ILE A 299 0.73 -16.56 41.45
N LYS A 300 0.88 -16.73 42.76
CA LYS A 300 0.06 -16.04 43.76
C LYS A 300 0.94 -15.04 44.49
N LEU A 301 0.65 -13.75 44.30
CA LEU A 301 1.36 -12.67 44.96
C LEU A 301 0.50 -12.11 46.08
N ASN A 302 1.17 -11.57 47.10
CA ASN A 302 0.51 -10.93 48.22
C ASN A 302 0.98 -9.49 48.34
N ARG A 303 0.03 -8.58 48.55
CA ARG A 303 0.32 -7.15 48.56
C ARG A 303 1.25 -6.80 49.71
N GLY A 304 2.34 -6.11 49.40
CA GLY A 304 3.27 -5.63 50.40
C GLY A 304 4.18 -6.68 51.01
N ILE A 305 4.01 -7.95 50.66
CA ILE A 305 4.85 -9.02 51.18
C ILE A 305 5.88 -9.37 50.11
N PRO A 306 7.17 -9.14 50.36
CA PRO A 306 8.18 -9.38 49.31
C PRO A 306 8.32 -10.87 49.03
N ILE A 307 8.72 -11.17 47.79
CA ILE A 307 8.89 -12.54 47.32
C ILE A 307 10.18 -12.62 46.52
N LYS A 308 10.90 -13.72 46.68
CA LYS A 308 12.14 -13.96 45.94
C LYS A 308 11.84 -14.87 44.77
N ILE A 309 11.80 -14.30 43.57
CA ILE A 309 11.54 -15.04 42.34
C ILE A 309 12.68 -14.82 41.36
N LYS A 310 12.68 -15.60 40.30
CA LYS A 310 13.72 -15.49 39.28
C LYS A 310 13.67 -14.11 38.63
N SER A 311 14.82 -13.68 38.10
CA SER A 311 14.89 -12.38 37.45
C SER A 311 14.01 -12.34 36.20
N SER A 312 13.95 -13.45 35.46
CA SER A 312 13.13 -13.50 34.27
C SER A 312 11.67 -13.22 34.58
N ILE A 313 11.18 -13.73 35.71
CA ILE A 313 9.78 -13.51 36.10
C ILE A 313 9.61 -12.21 36.89
N GLY A 314 10.66 -11.75 37.56
CA GLY A 314 10.59 -10.51 38.32
C GLY A 314 10.55 -9.27 37.44
N ILE A 315 11.42 -9.18 36.44
CA ILE A 315 11.42 -8.04 35.53
C ILE A 315 10.14 -8.01 34.71
N TYR A 316 9.59 -9.18 34.37
CA TYR A 316 8.36 -9.24 33.60
C TYR A 316 7.20 -8.60 34.36
N LEU A 317 7.07 -8.94 35.64
CA LEU A 317 5.99 -8.37 36.45
C LEU A 317 6.19 -6.89 36.72
N HIS A 318 7.45 -6.44 36.80
CA HIS A 318 7.70 -5.02 37.02
C HIS A 318 7.27 -4.18 35.82
N LEU A 319 7.56 -4.65 34.61
CA LEU A 319 7.22 -3.91 33.40
C LEU A 319 5.74 -3.99 33.06
N ARG A 320 4.99 -4.88 33.71
CA ARG A 320 3.54 -4.93 33.56
C ARG A 320 2.81 -4.27 34.73
N ASN A 321 3.50 -3.41 35.47
CA ASN A 321 2.93 -2.59 36.54
C ASN A 321 2.34 -3.41 37.68
N LEU A 322 2.77 -4.67 37.82
CA LEU A 322 2.25 -5.51 38.90
C LEU A 322 2.98 -5.29 40.23
N GLY A 323 4.13 -4.64 40.21
CA GLY A 323 4.87 -4.39 41.44
C GLY A 323 6.19 -3.69 41.21
N GLU A 324 7.17 -3.97 42.06
CA GLU A 324 8.47 -3.31 41.98
C GLU A 324 9.59 -4.31 42.29
N VAL A 325 10.67 -4.20 41.53
CA VAL A 325 11.89 -4.96 41.80
C VAL A 325 12.80 -4.13 42.68
N LYS A 326 13.07 -4.62 43.89
CA LYS A 326 13.79 -3.84 44.89
C LYS A 326 15.27 -4.16 44.97
N ALA A 327 15.67 -5.40 44.73
CA ALA A 327 17.07 -5.77 44.83
C ALA A 327 17.36 -6.96 43.93
N TYR A 328 18.64 -7.15 43.62
CA TYR A 328 19.11 -8.26 42.79
C TYR A 328 19.98 -9.17 43.61
N VAL A 329 19.68 -10.47 43.60
CA VAL A 329 20.46 -11.46 44.32
C VAL A 329 20.79 -12.64 43.42
N LEU B 3 -3.97 -13.01 -37.51
CA LEU B 3 -4.15 -11.69 -36.89
C LEU B 3 -4.36 -10.64 -37.97
N ASP B 4 -5.63 -10.25 -38.15
CA ASP B 4 -5.98 -9.34 -39.24
C ASP B 4 -5.54 -7.92 -38.92
N VAL B 5 -4.83 -7.30 -39.87
CA VAL B 5 -4.43 -5.91 -39.70
C VAL B 5 -5.59 -4.95 -39.94
N LYS B 6 -6.61 -5.38 -40.69
CA LYS B 6 -7.76 -4.52 -40.95
C LYS B 6 -8.61 -4.33 -39.71
N LYS B 7 -8.62 -5.31 -38.80
CA LYS B 7 -9.36 -5.18 -37.55
C LYS B 7 -8.54 -4.49 -36.46
N TYR B 8 -7.22 -4.69 -36.46
CA TYR B 8 -6.34 -4.15 -35.44
C TYR B 8 -5.29 -3.28 -36.11
N PRO B 9 -5.58 -1.98 -36.30
CA PRO B 9 -4.61 -1.12 -37.01
C PRO B 9 -3.34 -0.86 -36.24
N PHE B 10 -3.33 -1.04 -34.92
CA PHE B 10 -2.14 -0.76 -34.13
C PHE B 10 -1.03 -1.78 -34.32
N ILE B 11 -1.25 -2.81 -35.16
CA ILE B 11 -0.17 -3.74 -35.48
C ILE B 11 0.88 -3.06 -36.35
N LYS B 12 0.45 -2.51 -37.48
CA LYS B 12 1.34 -1.76 -38.35
C LYS B 12 1.66 -0.41 -37.73
N SER B 13 2.95 -0.05 -37.71
CA SER B 13 3.32 1.27 -37.23
C SER B 13 3.05 2.31 -38.30
N LEU B 14 3.04 3.58 -37.89
CA LEU B 14 2.74 4.66 -38.81
C LEU B 14 3.80 4.76 -39.90
N ASP B 15 5.07 4.61 -39.53
CA ASP B 15 6.16 4.66 -40.49
C ASP B 15 6.37 3.35 -41.23
N ASP B 16 5.47 2.39 -41.06
CA ASP B 16 5.51 1.12 -41.79
C ASP B 16 4.45 1.04 -42.87
N GLU B 17 3.26 1.60 -42.62
CA GLU B 17 2.23 1.67 -43.65
C GLU B 17 2.61 2.64 -44.76
N LEU B 18 3.41 3.66 -44.44
CA LEU B 18 3.79 4.67 -45.42
C LEU B 18 4.80 4.14 -46.43
N LYS B 19 5.46 3.02 -46.15
CA LYS B 19 6.41 2.45 -47.10
C LYS B 19 5.74 1.89 -48.34
N LYS B 20 4.41 1.75 -48.34
CA LYS B 20 3.70 1.36 -49.55
C LYS B 20 3.79 2.45 -50.62
N TYR B 21 3.88 3.71 -50.20
CA TYR B 21 3.92 4.85 -51.12
C TYR B 21 5.34 5.22 -51.52
N GLY B 22 6.20 4.23 -51.75
CA GLY B 22 7.56 4.50 -52.14
C GLY B 22 8.47 4.85 -50.98
N GLY B 23 8.57 6.14 -50.68
CA GLY B 23 9.42 6.59 -49.58
C GLY B 23 9.38 8.10 -49.39
N GLY B 24 9.56 8.54 -48.14
CA GLY B 24 9.55 9.94 -47.81
C GLY B 24 8.18 10.56 -47.65
N ILE B 25 7.14 9.97 -48.24
CA ILE B 25 5.78 10.49 -48.12
C ILE B 25 5.30 10.26 -46.69
N THR B 26 5.40 11.29 -45.86
CA THR B 26 4.96 11.19 -44.48
C THR B 26 3.44 11.33 -44.39
N LEU B 27 2.90 11.18 -43.19
CA LEU B 27 1.46 11.32 -43.00
C LEU B 27 1.00 12.75 -43.23
N THR B 28 1.88 13.73 -42.99
CA THR B 28 1.53 15.12 -43.26
C THR B 28 1.38 15.39 -44.74
N ASP B 29 2.08 14.62 -45.58
CA ASP B 29 1.94 14.79 -47.03
C ASP B 29 0.58 14.32 -47.51
N LEU B 30 0.10 13.18 -47.00
CA LEU B 30 -1.18 12.65 -47.44
C LEU B 30 -2.34 13.51 -46.95
N LEU B 31 -2.28 13.96 -45.70
CA LEU B 31 -3.38 14.73 -45.12
C LEU B 31 -3.57 16.07 -45.81
N LEU B 32 -2.48 16.66 -46.33
CA LEU B 32 -2.61 17.93 -47.05
C LEU B 32 -3.26 17.75 -48.41
N ASN B 33 -3.11 16.57 -49.02
CA ASN B 33 -3.72 16.28 -50.31
C ASN B 33 -5.06 15.55 -50.19
N SER B 34 -5.23 14.73 -49.17
CA SER B 34 -6.46 13.95 -49.01
C SER B 34 -7.52 14.82 -48.35
N THR B 35 -8.67 14.95 -49.00
CA THR B 35 -9.79 15.69 -48.46
C THR B 35 -10.70 14.85 -47.57
N THR B 36 -10.61 13.51 -47.67
CA THR B 36 -11.52 12.62 -46.96
C THR B 36 -10.90 11.93 -45.76
N LEU B 37 -9.57 11.84 -45.67
CA LEU B 37 -8.96 11.19 -44.52
C LEU B 37 -9.24 11.98 -43.25
N ILE B 38 -9.24 13.31 -43.34
CA ILE B 38 -9.56 14.14 -42.17
C ILE B 38 -11.03 13.99 -41.80
N ASP B 39 -11.91 13.83 -42.80
CA ASP B 39 -13.33 13.67 -42.50
C ASP B 39 -13.63 12.35 -41.84
N GLN B 40 -12.90 11.28 -42.19
CA GLN B 40 -13.08 10.00 -41.52
C GLN B 40 -12.60 10.05 -40.07
N ALA B 41 -11.58 10.87 -39.79
CA ALA B 41 -11.13 11.03 -38.41
C ALA B 41 -12.12 11.85 -37.59
N LYS B 42 -12.62 12.95 -38.16
CA LYS B 42 -13.62 13.75 -37.47
C LYS B 42 -14.94 13.00 -37.31
N ASP B 43 -15.21 12.03 -38.18
CA ASP B 43 -16.42 11.23 -38.05
C ASP B 43 -16.38 10.38 -36.78
N ARG B 44 -15.20 9.93 -36.38
CA ARG B 44 -15.07 9.15 -35.16
C ARG B 44 -15.04 10.05 -33.92
N ILE B 45 -14.41 11.21 -34.04
CA ILE B 45 -14.33 12.12 -32.90
C ILE B 45 -15.71 12.67 -32.55
N GLN B 46 -16.49 13.06 -33.56
CA GLN B 46 -17.82 13.60 -33.33
C GLN B 46 -18.85 12.52 -33.00
N LYS B 47 -18.50 11.24 -33.15
CA LYS B 47 -19.38 10.17 -32.71
C LYS B 47 -19.09 9.73 -31.29
N THR B 48 -17.93 10.08 -30.74
CA THR B 48 -17.68 9.86 -29.32
C THR B 48 -18.35 10.92 -28.46
N LYS B 49 -18.44 12.17 -28.97
CA LYS B 49 -19.08 13.23 -28.20
C LYS B 49 -20.57 12.98 -28.03
N SER B 50 -21.22 12.44 -29.06
CA SER B 50 -22.66 12.20 -28.98
C SER B 50 -23.00 10.96 -28.16
N GLY B 51 -22.04 10.06 -27.95
CA GLY B 51 -22.28 8.85 -27.19
C GLY B 51 -22.56 7.61 -28.01
N ASP B 52 -22.64 7.72 -29.34
CA ASP B 52 -22.89 6.56 -30.18
C ASP B 52 -21.63 5.70 -30.27
N GLU B 53 -21.78 4.56 -30.94
CA GLU B 53 -20.69 3.62 -31.09
C GLU B 53 -19.63 4.15 -32.05
N LEU B 54 -18.52 3.42 -32.14
CA LEU B 54 -17.48 3.68 -33.12
C LEU B 54 -17.42 2.51 -34.09
N PRO B 55 -17.45 2.75 -35.39
CA PRO B 55 -17.48 1.65 -36.35
C PRO B 55 -16.17 0.88 -36.35
N HIS B 56 -16.27 -0.41 -36.69
CA HIS B 56 -15.08 -1.24 -36.80
C HIS B 56 -14.19 -0.75 -37.94
N TYR B 57 -12.88 -0.95 -37.78
CA TYR B 57 -11.93 -0.48 -38.77
C TYR B 57 -11.95 -1.31 -40.05
N VAL B 58 -12.77 -2.36 -40.12
CA VAL B 58 -12.93 -3.09 -41.37
C VAL B 58 -13.82 -2.35 -42.36
N SER B 59 -14.43 -1.24 -41.95
CA SER B 59 -15.32 -0.47 -42.80
C SER B 59 -14.60 0.57 -43.64
N TYR B 60 -13.33 0.86 -43.34
CA TYR B 60 -12.57 1.85 -44.08
C TYR B 60 -11.71 1.18 -45.15
N ASN B 61 -11.30 1.97 -46.13
CA ASN B 61 -10.43 1.48 -47.19
C ASN B 61 -8.96 1.51 -46.77
N GLU B 62 -8.57 2.51 -45.97
CA GLU B 62 -7.22 2.60 -45.41
C GLU B 62 -7.36 2.60 -43.89
N PRO B 63 -7.56 1.43 -43.27
CA PRO B 63 -7.81 1.39 -41.83
C PRO B 63 -6.63 1.87 -40.99
N VAL B 64 -5.40 1.62 -41.43
CA VAL B 64 -4.23 2.01 -40.65
C VAL B 64 -4.08 3.53 -40.65
N LEU B 65 -4.34 4.17 -41.79
CA LEU B 65 -4.20 5.62 -41.86
C LEU B 65 -5.29 6.33 -41.07
N VAL B 66 -6.52 5.81 -41.13
CA VAL B 66 -7.62 6.41 -40.37
C VAL B 66 -7.33 6.34 -38.88
N PHE B 67 -6.65 5.29 -38.42
CA PHE B 67 -6.35 5.15 -37.00
C PHE B 67 -5.34 6.20 -36.55
N TYR B 68 -4.27 6.40 -37.32
CA TYR B 68 -3.23 7.33 -36.92
C TYR B 68 -3.64 8.78 -37.13
N THR B 69 -4.41 9.08 -38.17
CA THR B 69 -4.90 10.44 -38.37
C THR B 69 -5.92 10.85 -37.32
N THR B 70 -6.56 9.87 -36.68
CA THR B 70 -7.47 10.19 -35.57
C THR B 70 -6.70 10.48 -34.29
N LEU B 71 -5.60 9.76 -34.06
CA LEU B 71 -4.74 10.07 -32.92
C LEU B 71 -4.06 11.43 -33.11
N LEU B 72 -3.69 11.76 -34.34
CA LEU B 72 -3.05 13.04 -34.61
C LEU B 72 -4.04 14.19 -34.48
N SER B 73 -5.29 13.98 -34.94
CA SER B 73 -6.29 15.04 -34.85
C SER B 73 -6.68 15.32 -33.40
N LEU B 74 -6.63 14.30 -32.53
CA LEU B 74 -6.88 14.51 -31.12
C LEU B 74 -5.70 15.21 -30.45
N ALA B 75 -4.48 14.97 -30.92
CA ALA B 75 -3.32 15.64 -30.38
C ALA B 75 -3.23 17.11 -30.79
N ILE B 76 -4.12 17.56 -31.67
CA ILE B 76 -4.15 18.96 -32.09
C ILE B 76 -5.27 19.67 -31.33
N LEU B 77 -6.31 18.92 -30.97
CA LEU B 77 -7.41 19.49 -30.21
C LEU B 77 -7.04 19.71 -28.75
N ASN B 78 -6.11 18.93 -28.23
CA ASN B 78 -5.53 19.07 -26.89
C ASN B 78 -6.54 18.92 -25.76
N ASP B 79 -7.78 18.50 -26.06
CA ASP B 79 -8.80 18.34 -25.03
C ASP B 79 -8.53 17.04 -24.28
N VAL B 80 -8.12 17.16 -23.01
CA VAL B 80 -7.81 15.99 -22.21
C VAL B 80 -9.08 15.18 -21.92
N LYS B 81 -10.18 15.87 -21.65
CA LYS B 81 -11.45 15.18 -21.41
C LYS B 81 -11.96 14.49 -22.68
N LEU B 82 -11.53 14.92 -23.85
CA LEU B 82 -11.90 14.28 -25.10
C LEU B 82 -10.95 13.16 -25.48
N ILE B 83 -9.64 13.36 -25.26
CA ILE B 83 -8.68 12.29 -25.47
C ILE B 83 -8.99 11.10 -24.56
N ARG B 84 -9.39 11.39 -23.32
CA ARG B 84 -9.77 10.32 -22.40
C ARG B 84 -11.05 9.64 -22.86
N ARG B 85 -12.06 10.43 -23.27
CA ARG B 85 -13.31 9.84 -23.73
C ARG B 85 -13.12 8.97 -24.97
N TYR B 86 -12.13 9.29 -25.80
CA TYR B 86 -11.90 8.48 -26.99
C TYR B 86 -11.29 7.13 -26.64
N ALA B 87 -10.33 7.12 -25.69
CA ALA B 87 -9.66 5.87 -25.32
C ALA B 87 -10.63 4.84 -24.75
N TYR B 88 -11.72 5.29 -24.13
CA TYR B 88 -12.73 4.35 -23.66
C TYR B 88 -13.59 3.83 -24.80
N ALA B 89 -14.11 4.74 -25.63
CA ALA B 89 -14.95 4.32 -26.75
C ALA B 89 -14.14 3.56 -27.81
N GLU B 90 -12.85 3.87 -27.94
CA GLU B 90 -12.02 3.16 -28.90
C GLU B 90 -11.72 1.75 -28.42
N ALA B 91 -11.27 1.61 -27.16
CA ALA B 91 -11.00 0.29 -26.62
C ALA B 91 -12.27 -0.52 -26.44
N LYS B 92 -13.42 0.14 -26.25
CA LYS B 92 -14.68 -0.57 -26.20
C LYS B 92 -15.05 -1.14 -27.57
N GLN B 93 -14.70 -0.43 -28.65
CA GLN B 93 -14.93 -0.95 -29.99
C GLN B 93 -14.14 -2.22 -30.24
N PHE B 94 -12.95 -2.35 -29.62
CA PHE B 94 -12.14 -3.55 -29.79
C PHE B 94 -12.64 -4.70 -28.92
N ARG B 95 -13.38 -4.42 -27.84
CA ARG B 95 -13.88 -5.50 -26.99
C ARG B 95 -14.75 -6.47 -27.77
N SER B 96 -15.61 -5.94 -28.65
CA SER B 96 -16.46 -6.80 -29.46
C SER B 96 -15.64 -7.63 -30.44
N LEU B 97 -14.62 -7.03 -31.04
CA LEU B 97 -13.73 -7.78 -31.92
C LEU B 97 -12.85 -8.75 -31.17
N LEU B 98 -12.68 -8.57 -29.86
CA LEU B 98 -11.84 -9.49 -29.09
C LEU B 98 -12.61 -10.72 -28.62
N HIS B 99 -13.91 -10.58 -28.37
CA HIS B 99 -14.72 -11.70 -27.92
C HIS B 99 -14.91 -12.78 -28.98
N THR B 100 -14.54 -12.49 -30.23
CA THR B 100 -14.63 -13.45 -31.33
C THR B 100 -13.25 -13.79 -31.87
N GLU B 101 -12.28 -13.93 -30.97
CA GLU B 101 -10.90 -14.20 -31.33
C GLU B 101 -10.42 -15.48 -30.67
N ASN B 102 -9.58 -16.23 -31.37
CA ASN B 102 -9.06 -17.46 -30.81
C ASN B 102 -8.05 -17.16 -29.70
N GLU B 103 -7.73 -18.18 -28.92
CA GLU B 103 -6.84 -18.00 -27.77
C GLU B 103 -5.40 -17.74 -28.18
N GLU B 104 -5.00 -18.12 -29.40
CA GLU B 104 -3.64 -17.86 -29.84
C GLU B 104 -3.43 -16.41 -30.23
N ASN B 105 -4.43 -15.79 -30.87
CA ASN B 105 -4.30 -14.39 -31.26
C ASN B 105 -4.46 -13.45 -30.07
N LEU B 106 -5.18 -13.87 -29.02
CA LEU B 106 -5.31 -13.04 -27.83
C LEU B 106 -3.97 -12.86 -27.13
N LEU B 107 -3.15 -13.91 -27.09
CA LEU B 107 -1.82 -13.79 -26.53
C LEU B 107 -0.88 -13.03 -27.46
N GLU B 108 -1.12 -13.08 -28.77
CA GLU B 108 -0.29 -12.35 -29.70
C GLU B 108 -0.48 -10.84 -29.56
N ILE B 109 -1.64 -10.41 -29.07
CA ILE B 109 -1.87 -8.99 -28.83
C ILE B 109 -1.31 -8.57 -27.49
N SER B 110 -1.45 -9.41 -26.46
CA SER B 110 -0.96 -9.07 -25.13
C SER B 110 0.56 -8.97 -25.10
N LYS B 111 1.25 -9.69 -25.98
CA LYS B 111 2.69 -9.55 -26.09
C LYS B 111 3.08 -8.24 -26.74
N LEU B 112 2.30 -7.77 -27.72
CA LEU B 112 2.58 -6.49 -28.35
C LEU B 112 2.22 -5.32 -27.45
N LEU B 113 1.41 -5.53 -26.42
CA LEU B 113 1.12 -4.52 -25.41
C LEU B 113 2.02 -4.62 -24.19
N ASP B 114 3.01 -5.52 -24.21
CA ASP B 114 3.90 -5.76 -23.07
C ASP B 114 3.11 -6.12 -21.82
N LEU B 115 2.10 -6.98 -21.97
CA LEU B 115 1.37 -7.55 -20.85
C LEU B 115 1.91 -8.96 -20.62
N LYS B 116 2.69 -9.14 -19.56
CA LYS B 116 3.30 -10.43 -19.25
C LYS B 116 2.23 -11.45 -18.85
N ILE B 117 1.63 -12.07 -19.87
CA ILE B 117 0.59 -13.08 -19.67
C ILE B 117 0.91 -14.27 -20.56
N ASN B 118 0.94 -15.47 -19.96
CA ASN B 118 1.25 -16.70 -20.68
C ASN B 118 0.20 -17.76 -20.39
N ARG B 119 0.33 -18.91 -21.03
CA ARG B 119 -0.54 -20.04 -20.75
C ARG B 119 0.05 -20.88 -19.62
N CYS B 120 -0.75 -21.83 -19.14
CA CYS B 120 -0.36 -22.69 -18.04
C CYS B 120 -1.31 -23.89 -18.03
N ASP B 121 -1.05 -24.82 -17.11
CA ASP B 121 -1.94 -25.96 -16.97
C ASP B 121 -3.31 -25.49 -16.48
N PRO B 122 -4.39 -25.87 -17.14
CA PRO B 122 -5.71 -25.32 -16.78
C PRO B 122 -6.15 -25.79 -15.40
N ILE B 123 -6.58 -24.84 -14.57
CA ILE B 123 -7.11 -25.12 -13.24
C ILE B 123 -8.63 -25.08 -13.31
N LYS B 124 -9.27 -26.20 -12.96
CA LYS B 124 -10.71 -26.31 -12.97
C LYS B 124 -11.23 -26.39 -11.54
N PHE B 125 -12.35 -25.73 -11.28
CA PHE B 125 -12.99 -25.79 -9.97
C PHE B 125 -14.47 -25.48 -10.14
N TYR B 126 -15.24 -25.88 -9.13
CA TYR B 126 -16.69 -25.74 -9.15
C TYR B 126 -17.14 -24.59 -8.28
N LEU B 127 -18.26 -23.97 -8.67
CA LEU B 127 -18.86 -22.87 -7.93
C LEU B 127 -20.35 -23.11 -7.77
N GLU B 128 -20.91 -22.63 -6.66
CA GLU B 128 -22.34 -22.77 -6.40
C GLU B 128 -23.16 -21.65 -7.04
N LYS B 129 -22.68 -20.41 -6.97
CA LYS B 129 -23.46 -19.29 -7.49
C LYS B 129 -23.60 -19.37 -9.00
N LYS B 130 -22.54 -19.79 -9.69
CA LYS B 130 -22.59 -19.92 -11.15
C LYS B 130 -23.12 -21.26 -11.60
N ARG B 131 -22.98 -22.30 -10.77
CA ARG B 131 -23.44 -23.66 -11.10
C ARG B 131 -22.86 -24.13 -12.42
N ARG B 132 -21.59 -23.78 -12.65
CA ARG B 132 -20.84 -24.20 -13.83
C ARG B 132 -19.47 -24.69 -13.39
N ILE B 133 -18.64 -25.07 -14.36
CA ILE B 133 -17.29 -25.56 -14.10
C ILE B 133 -16.33 -24.51 -14.65
N ILE B 134 -15.75 -23.73 -13.74
CA ILE B 134 -14.85 -22.64 -14.13
C ILE B 134 -13.49 -23.21 -14.48
N GLN B 135 -12.85 -22.62 -15.48
CA GLN B 135 -11.55 -23.10 -15.96
C GLN B 135 -10.66 -21.89 -16.24
N LYS B 136 -9.58 -21.76 -15.47
CA LYS B 136 -8.59 -20.71 -15.69
C LYS B 136 -7.40 -21.30 -16.44
N GLU B 137 -7.01 -20.64 -17.54
CA GLU B 137 -5.90 -21.17 -18.33
C GLU B 137 -4.90 -20.08 -18.73
N PHE B 138 -4.93 -18.92 -18.07
CA PHE B 138 -3.97 -17.85 -18.30
C PHE B 138 -3.49 -17.33 -16.96
N CYS B 139 -2.18 -17.21 -16.80
CA CYS B 139 -1.58 -16.80 -15.54
C CYS B 139 -0.81 -15.49 -15.71
N VAL B 140 -0.94 -14.62 -14.71
CA VAL B 140 -0.23 -13.35 -14.68
C VAL B 140 0.29 -13.14 -13.27
N HIS B 141 1.51 -12.59 -13.16
CA HIS B 141 2.08 -12.35 -11.85
C HIS B 141 1.27 -11.30 -11.10
N PHE B 142 1.16 -11.48 -9.77
CA PHE B 142 0.27 -10.64 -8.99
C PHE B 142 0.76 -9.19 -8.91
N ILE B 143 2.07 -8.98 -8.97
CA ILE B 143 2.59 -7.62 -8.98
C ILE B 143 2.20 -6.92 -10.28
N ASP B 144 2.32 -7.62 -11.41
CA ASP B 144 1.85 -7.06 -12.66
C ASP B 144 0.32 -6.98 -12.72
N TYR B 145 -0.36 -7.88 -12.01
CA TYR B 145 -1.82 -7.86 -11.99
C TYR B 145 -2.34 -6.64 -11.25
N LEU B 146 -1.74 -6.30 -10.10
CA LEU B 146 -2.13 -5.10 -9.38
C LEU B 146 -1.84 -3.84 -10.18
N LYS B 147 -0.86 -3.91 -11.08
CA LYS B 147 -0.52 -2.76 -11.92
C LYS B 147 -1.52 -2.61 -13.07
N TYR B 148 -1.90 -3.72 -13.71
CA TYR B 148 -2.82 -3.64 -14.82
C TYR B 148 -4.21 -3.22 -14.37
N THR B 149 -4.66 -3.70 -13.21
CA THR B 149 -6.00 -3.38 -12.72
C THR B 149 -5.97 -2.14 -11.85
N LYS B 150 -5.05 -1.23 -12.16
CA LYS B 150 -4.89 -0.03 -11.35
C LYS B 150 -6.10 0.88 -11.45
N ASP B 151 -6.70 0.98 -12.64
CA ASP B 151 -7.85 1.85 -12.83
C ASP B 151 -9.09 1.07 -13.23
N LEU B 152 -9.37 -0.02 -12.51
CA LEU B 152 -10.52 -0.88 -12.81
C LEU B 152 -11.48 -0.89 -11.62
N LYS B 153 -12.54 -1.69 -11.74
CA LYS B 153 -13.62 -1.72 -10.77
C LYS B 153 -13.24 -2.60 -9.58
N GLU B 154 -14.22 -2.87 -8.70
CA GLU B 154 -13.97 -3.68 -7.52
C GLU B 154 -13.87 -5.17 -7.84
N ASP B 155 -14.47 -5.62 -8.95
CA ASP B 155 -14.43 -7.04 -9.30
C ASP B 155 -13.01 -7.53 -9.59
N TRP B 156 -12.11 -6.63 -9.97
CA TRP B 156 -10.73 -6.99 -10.26
C TRP B 156 -9.85 -7.00 -9.02
N LYS B 157 -10.43 -6.86 -7.83
CA LYS B 157 -9.64 -6.85 -6.61
C LYS B 157 -8.98 -8.19 -6.40
N LEU B 158 -7.83 -8.16 -5.71
CA LEU B 158 -7.02 -9.37 -5.52
C LEU B 158 -7.75 -10.44 -4.73
N SER B 159 -8.77 -10.06 -3.96
CA SER B 159 -9.45 -11.03 -3.10
C SER B 159 -10.33 -11.99 -3.90
N GLY B 160 -10.99 -11.49 -4.93
CA GLY B 160 -11.89 -12.32 -5.71
C GLY B 160 -11.23 -13.07 -6.84
N GLN B 161 -9.94 -13.36 -6.68
CA GLN B 161 -9.16 -14.06 -7.70
C GLN B 161 -8.55 -15.32 -7.09
N ILE B 162 -7.92 -16.12 -7.95
CA ILE B 162 -7.25 -17.36 -7.54
C ILE B 162 -5.76 -17.17 -7.77
N LEU B 163 -5.01 -17.01 -6.69
CA LEU B 163 -3.57 -16.83 -6.75
C LEU B 163 -2.86 -18.11 -6.34
N HIS B 164 -1.78 -18.43 -7.04
CA HIS B 164 -1.01 -19.63 -6.74
C HIS B 164 0.46 -19.36 -7.03
N LYS B 165 1.29 -19.44 -6.00
CA LYS B 165 2.74 -19.20 -6.12
C LYS B 165 3.05 -17.83 -6.71
N GLY B 166 2.20 -16.85 -6.43
CA GLY B 166 2.41 -15.49 -6.90
C GLY B 166 1.87 -15.19 -8.28
N TYR B 167 1.00 -16.02 -8.82
CA TYR B 167 0.45 -15.81 -10.16
C TYR B 167 -1.07 -15.84 -10.09
N VAL B 168 -1.70 -14.79 -10.61
CA VAL B 168 -3.15 -14.73 -10.69
C VAL B 168 -3.60 -15.47 -11.94
N TYR B 169 -4.62 -16.32 -11.80
CA TYR B 169 -5.13 -17.12 -12.89
C TYR B 169 -6.34 -16.46 -13.50
N LEU B 170 -6.29 -16.21 -14.81
CA LEU B 170 -7.36 -15.58 -15.55
C LEU B 170 -7.98 -16.57 -16.54
N ASP B 171 -9.18 -16.24 -17.00
CA ASP B 171 -9.85 -17.01 -18.04
C ASP B 171 -9.89 -16.18 -19.32
N LYS B 172 -10.83 -16.50 -20.22
CA LYS B 172 -10.88 -15.84 -21.51
C LYS B 172 -11.45 -14.43 -21.39
N ASN B 173 -12.54 -14.27 -20.63
CA ASN B 173 -13.17 -12.96 -20.51
C ASN B 173 -12.37 -12.01 -19.62
N GLN B 174 -11.49 -12.53 -18.77
CA GLN B 174 -10.61 -11.66 -18.00
C GLN B 174 -9.36 -11.24 -18.76
N LEU B 175 -8.88 -12.09 -19.67
CA LEU B 175 -7.78 -11.69 -20.54
C LEU B 175 -8.22 -10.57 -21.48
N ILE B 176 -9.45 -10.64 -21.98
CA ILE B 176 -9.99 -9.56 -22.80
C ILE B 176 -10.17 -8.30 -21.96
N GLY B 177 -10.55 -8.46 -20.69
CA GLY B 177 -10.73 -7.32 -19.81
C GLY B 177 -9.45 -6.54 -19.55
N LEU B 178 -8.31 -7.24 -19.54
CA LEU B 178 -7.05 -6.56 -19.33
C LEU B 178 -6.50 -5.94 -20.61
N ILE B 179 -6.84 -6.52 -21.77
CA ILE B 179 -6.41 -5.92 -23.04
C ILE B 179 -7.17 -4.64 -23.32
N ALA B 180 -8.46 -4.62 -23.01
CA ALA B 180 -9.25 -3.40 -23.20
C ALA B 180 -8.75 -2.28 -22.31
N GLU B 181 -8.32 -2.61 -21.09
CA GLU B 181 -7.74 -1.60 -20.21
C GLU B 181 -6.36 -1.17 -20.69
N SER B 182 -5.65 -2.07 -21.38
CA SER B 182 -4.33 -1.74 -21.90
C SER B 182 -4.42 -0.87 -23.16
N ILE B 183 -5.41 -1.12 -24.02
CA ILE B 183 -5.61 -0.28 -25.19
C ILE B 183 -6.00 1.13 -24.77
N LYS B 184 -6.86 1.25 -23.76
CA LYS B 184 -7.20 2.56 -23.22
C LYS B 184 -5.96 3.28 -22.67
N SER B 185 -5.04 2.52 -22.07
CA SER B 185 -3.84 3.12 -21.49
C SER B 185 -2.84 3.54 -22.55
N LYS B 186 -2.63 2.70 -23.57
CA LYS B 186 -1.62 3.01 -24.59
C LYS B 186 -2.03 4.23 -25.40
N ILE B 187 -3.32 4.38 -25.70
CA ILE B 187 -3.78 5.53 -26.46
C ILE B 187 -3.53 6.83 -25.69
N VAL B 188 -3.67 6.78 -24.36
CA VAL B 188 -3.33 7.93 -23.54
C VAL B 188 -1.83 8.23 -23.62
N GLU B 189 -1.01 7.18 -23.58
CA GLU B 189 0.44 7.38 -23.68
C GLU B 189 0.85 7.83 -25.08
N MET B 190 0.14 7.37 -26.11
CA MET B 190 0.54 7.59 -27.50
C MET B 190 0.17 8.98 -28.01
N ILE B 191 -0.27 9.88 -27.14
CA ILE B 191 -0.72 11.19 -27.60
C ILE B 191 0.12 12.27 -26.91
N ARG B 192 0.63 11.94 -25.73
CA ARG B 192 1.50 12.86 -25.00
C ARG B 192 2.69 13.32 -25.83
N PRO B 193 3.51 12.44 -26.44
CA PRO B 193 4.65 12.93 -27.22
C PRO B 193 4.31 13.23 -28.67
N LEU B 194 3.05 13.59 -28.94
CA LEU B 194 2.64 14.02 -30.26
C LEU B 194 2.60 15.53 -30.43
N ASN B 195 2.96 16.28 -29.39
CA ASN B 195 3.09 17.72 -29.47
C ASN B 195 4.45 18.16 -29.99
N LEU B 196 5.25 17.22 -30.51
CA LEU B 196 6.63 17.52 -30.91
C LEU B 196 6.69 18.12 -32.30
N LYS B 197 6.34 17.34 -33.32
CA LYS B 197 6.53 17.75 -34.71
C LYS B 197 5.67 18.96 -35.04
N GLU B 198 6.33 20.06 -35.38
CA GLU B 198 5.63 21.29 -35.76
C GLU B 198 4.95 21.09 -37.11
N ILE B 199 3.66 20.77 -37.07
CA ILE B 199 2.88 20.54 -38.28
C ILE B 199 2.71 21.87 -39.03
N PRO B 200 2.73 21.87 -40.36
CA PRO B 200 2.42 23.11 -41.10
C PRO B 200 1.13 23.74 -40.62
N GLU B 201 1.19 25.04 -40.34
CA GLU B 201 0.08 25.74 -39.71
C GLU B 201 -1.20 25.71 -40.53
N LYS B 202 -1.11 25.40 -41.83
CA LYS B 202 -2.33 25.27 -42.62
C LYS B 202 -3.04 23.96 -42.32
N LEU B 203 -2.30 22.89 -42.04
CA LEU B 203 -2.92 21.63 -41.67
C LEU B 203 -3.58 21.70 -40.30
N LYS B 204 -3.09 22.59 -39.42
CA LYS B 204 -3.73 22.75 -38.11
C LYS B 204 -5.10 23.39 -38.24
N SER B 205 -5.25 24.34 -39.17
CA SER B 205 -6.53 25.00 -39.39
C SER B 205 -7.53 24.11 -40.12
N LEU B 206 -7.07 23.09 -40.83
CA LEU B 206 -7.99 22.20 -41.52
C LEU B 206 -8.75 21.31 -40.54
N ILE B 207 -8.13 20.94 -39.42
CA ILE B 207 -8.76 20.07 -38.43
C ILE B 207 -9.42 20.94 -37.37
N GLU B 208 -9.55 22.23 -37.65
CA GLU B 208 -10.18 23.16 -36.73
C GLU B 208 -11.10 24.13 -37.48
N ASP C 226 -8.24 30.19 -20.41
CA ASP C 226 -6.88 30.20 -19.87
C ASP C 226 -6.88 29.83 -18.39
N TYR C 227 -5.83 29.12 -17.97
CA TYR C 227 -5.70 28.67 -16.58
C TYR C 227 -4.29 29.01 -16.07
N SER C 228 -3.93 30.28 -16.16
CA SER C 228 -2.60 30.71 -15.70
C SER C 228 -2.55 30.92 -14.20
N TRP C 229 -3.66 31.38 -13.60
CA TRP C 229 -3.67 31.69 -12.17
C TRP C 229 -3.64 30.44 -11.31
N ILE C 230 -4.07 29.29 -11.84
CA ILE C 230 -4.09 28.07 -11.04
C ILE C 230 -2.67 27.59 -10.74
N GLU C 231 -1.78 27.69 -11.73
CA GLU C 231 -0.39 27.32 -11.50
C GLU C 231 0.30 28.29 -10.55
N LYS C 232 -0.15 29.55 -10.52
CA LYS C 232 0.46 30.54 -9.64
C LYS C 232 0.17 30.23 -8.17
N VAL C 233 -1.07 29.83 -7.87
CA VAL C 233 -1.43 29.51 -6.49
C VAL C 233 -0.74 28.23 -6.04
N LEU C 234 -0.65 27.24 -6.93
CA LEU C 234 0.04 26.00 -6.57
C LEU C 234 1.52 26.22 -6.33
N GLU C 235 2.13 27.19 -7.04
CA GLU C 235 3.55 27.47 -6.85
C GLU C 235 3.80 28.18 -5.53
N MET C 236 2.88 29.04 -5.09
CA MET C 236 3.04 29.74 -3.83
C MET C 236 2.46 28.94 -2.68
N GLY C 237 1.16 29.05 -2.46
CA GLY C 237 0.51 28.35 -1.37
C GLY C 237 -0.75 29.10 -0.95
N LEU C 238 -1.41 28.53 0.06
CA LEU C 238 -2.63 29.11 0.60
C LEU C 238 -2.56 29.08 2.13
N GLN C 239 -3.68 29.43 2.76
CA GLN C 239 -3.73 29.52 4.21
C GLN C 239 -5.02 28.94 4.76
N ASP C 240 -6.15 29.60 4.49
CA ASP C 240 -7.43 29.18 5.06
C ASP C 240 -8.02 28.01 4.30
N SER C 241 -8.46 28.25 3.07
CA SER C 241 -9.20 27.24 2.29
C SER C 241 -8.23 26.53 1.34
N ARG C 242 -7.48 25.59 1.91
CA ARG C 242 -6.60 24.75 1.11
C ARG C 242 -7.30 23.52 0.56
N LYS C 243 -8.30 22.98 1.30
CA LYS C 243 -9.05 21.84 0.81
C LYS C 243 -10.06 22.24 -0.26
N ARG C 244 -10.73 23.38 -0.07
CA ARG C 244 -11.74 23.81 -1.05
C ARG C 244 -11.11 24.21 -2.37
N PHE C 245 -9.87 24.70 -2.35
CA PHE C 245 -9.18 25.03 -3.59
C PHE C 245 -8.77 23.77 -4.34
N ILE C 246 -8.46 22.69 -3.61
CA ILE C 246 -8.10 21.43 -4.26
C ILE C 246 -9.33 20.76 -4.84
N LEU C 247 -10.43 20.74 -4.08
CA LEU C 247 -11.61 19.99 -4.48
C LEU C 247 -12.25 20.58 -5.74
N TYR C 248 -12.40 21.90 -5.79
CA TYR C 248 -13.16 22.54 -6.86
C TYR C 248 -12.30 23.15 -7.96
N VAL C 249 -11.00 23.33 -7.73
CA VAL C 249 -10.16 24.03 -8.70
C VAL C 249 -8.90 23.23 -9.04
N ALA C 250 -8.07 22.99 -8.02
CA ALA C 250 -6.72 22.49 -8.27
C ALA C 250 -6.74 21.08 -8.84
N SER C 251 -7.43 20.15 -8.18
CA SER C 251 -7.42 18.76 -8.63
C SER C 251 -8.06 18.59 -10.01
N ARG C 252 -9.04 19.44 -10.34
CA ARG C 252 -9.67 19.34 -11.65
C ARG C 252 -8.76 19.83 -12.76
N TYR C 253 -7.89 20.80 -12.45
CA TYR C 253 -6.98 21.35 -13.46
C TYR C 253 -5.84 20.40 -13.79
N LEU C 254 -5.26 19.74 -12.77
CA LEU C 254 -4.11 18.89 -13.02
C LEU C 254 -4.50 17.59 -13.73
N VAL C 255 -5.75 17.16 -13.59
CA VAL C 255 -6.18 15.88 -14.13
C VAL C 255 -6.98 16.03 -15.42
N ASN C 256 -7.84 17.05 -15.49
CA ASN C 256 -8.75 17.21 -16.62
C ASN C 256 -8.37 18.37 -17.53
N VAL C 257 -7.26 19.05 -17.27
CA VAL C 257 -6.81 20.15 -18.12
C VAL C 257 -5.34 19.96 -18.47
N LYS C 258 -4.48 19.88 -17.45
CA LYS C 258 -3.06 19.67 -17.71
C LYS C 258 -2.78 18.22 -18.11
N GLY C 259 -3.52 17.27 -17.56
CA GLY C 259 -3.40 15.88 -17.97
C GLY C 259 -2.17 15.17 -17.44
N VAL C 260 -1.75 15.47 -16.21
CA VAL C 260 -0.59 14.82 -15.62
C VAL C 260 -0.97 13.43 -15.15
N ASN C 261 0.01 12.64 -14.72
CA ASN C 261 -0.25 11.30 -14.23
C ASN C 261 -1.10 11.35 -12.97
N GLU C 262 -1.90 10.30 -12.77
CA GLU C 262 -2.76 10.23 -11.59
C GLU C 262 -1.95 10.24 -10.31
N ASP C 263 -0.76 9.63 -10.32
CA ASP C 263 0.12 9.67 -9.16
C ASP C 263 1.06 10.88 -9.16
N GLU C 264 1.30 11.48 -10.33
CA GLU C 264 2.09 12.71 -10.36
C GLU C 264 1.34 13.86 -9.71
N ALA C 265 0.02 13.92 -9.92
CA ALA C 265 -0.80 14.95 -9.27
C ALA C 265 -0.89 14.75 -7.77
N LEU C 266 -0.65 13.54 -7.28
CA LEU C 266 -0.69 13.29 -5.84
C LEU C 266 0.44 14.03 -5.13
N GLN C 267 1.62 14.09 -5.76
CA GLN C 267 2.73 14.82 -5.16
C GLN C 267 2.64 16.31 -5.41
N THR C 268 2.08 16.72 -6.56
CA THR C 268 1.92 18.14 -6.84
C THR C 268 0.91 18.78 -5.90
N LEU C 269 -0.15 18.05 -5.56
CA LEU C 269 -1.16 18.57 -4.63
C LEU C 269 -0.68 18.51 -3.18
N LYS C 270 0.10 17.49 -2.82
CA LYS C 270 0.56 17.37 -1.44
C LYS C 270 1.60 18.44 -1.10
N GLU C 271 2.48 18.76 -2.05
CA GLU C 271 3.45 19.83 -1.83
C GLU C 271 2.79 21.19 -1.75
N PHE C 272 1.59 21.34 -2.32
CA PHE C 272 0.88 22.61 -2.22
C PHE C 272 0.25 22.81 -0.85
N TYR C 273 -0.23 21.73 -0.23
CA TYR C 273 -0.89 21.85 1.07
C TYR C 273 0.09 22.18 2.18
N TYR C 274 1.35 21.75 2.04
CA TYR C 274 2.35 21.97 3.09
C TYR C 274 3.24 23.15 2.71
N LYS C 275 2.61 24.34 2.70
CA LYS C 275 3.31 25.60 2.55
C LYS C 275 3.28 26.41 3.85
N LEU C 276 2.09 26.68 4.38
CA LEU C 276 1.98 27.22 5.73
C LEU C 276 2.23 26.12 6.77
N GLN C 277 2.04 24.85 6.39
CA GLN C 277 2.35 23.69 7.22
C GLN C 277 1.47 23.59 8.47
N SER C 278 0.62 24.59 8.71
CA SER C 278 -0.29 24.56 9.86
C SER C 278 -1.50 23.68 9.50
N GLY C 279 -1.24 22.38 9.48
CA GLY C 279 -2.25 21.40 9.13
C GLY C 279 -1.60 20.19 8.50
N LYS C 280 -2.37 19.10 8.43
CA LYS C 280 -1.91 17.84 7.88
C LYS C 280 -2.97 17.28 6.94
N VAL C 281 -2.55 16.88 5.75
CA VAL C 281 -3.42 16.23 4.77
C VAL C 281 -2.92 14.81 4.58
N TYR C 282 -3.83 13.88 4.40
CA TYR C 282 -3.50 12.47 4.23
C TYR C 282 -3.68 12.07 2.77
N GLU C 283 -2.90 11.07 2.35
CA GLU C 283 -2.98 10.61 0.97
C GLU C 283 -4.30 9.96 0.65
N SER C 284 -5.08 9.57 1.67
CA SER C 284 -6.38 8.94 1.43
C SER C 284 -7.37 9.93 0.82
N TRP C 285 -7.46 11.13 1.39
CA TRP C 285 -8.41 12.12 0.88
C TRP C 285 -7.97 12.70 -0.45
N LEU C 286 -6.67 12.74 -0.71
CA LEU C 286 -6.17 13.28 -1.97
C LEU C 286 -6.44 12.33 -3.13
N LYS C 287 -6.21 11.03 -2.94
CA LYS C 287 -6.52 10.06 -3.97
C LYS C 287 -8.02 9.97 -4.24
N SER C 288 -8.84 10.20 -3.21
CA SER C 288 -10.28 10.14 -3.38
C SER C 288 -10.80 11.29 -4.24
N VAL C 289 -10.12 12.43 -4.21
CA VAL C 289 -10.53 13.56 -5.03
C VAL C 289 -10.01 13.42 -6.46
N ILE C 290 -8.79 12.89 -6.61
CA ILE C 290 -8.21 12.71 -7.94
C ILE C 290 -9.00 11.67 -8.72
N ASN C 291 -9.29 10.53 -8.10
CA ASN C 291 -10.10 9.50 -8.77
C ASN C 291 -11.55 9.92 -8.92
N GLY C 292 -12.00 10.92 -8.15
CA GLY C 292 -13.37 11.38 -8.24
C GLY C 292 -13.60 12.29 -9.44
N VAL C 293 -12.68 13.22 -9.67
CA VAL C 293 -12.81 14.13 -10.81
C VAL C 293 -12.46 13.44 -12.13
N LYS C 294 -11.73 12.33 -12.07
CA LYS C 294 -11.42 11.58 -13.29
C LYS C 294 -12.67 10.92 -13.85
N LYS C 295 -13.55 10.43 -12.97
CA LYS C 295 -14.77 9.77 -13.41
C LYS C 295 -15.86 10.78 -13.76
N LYS C 296 -16.08 11.76 -12.88
CA LYS C 296 -17.12 12.76 -13.12
C LYS C 296 -16.73 13.77 -14.19
N GLY C 297 -15.46 13.80 -14.60
CA GLY C 297 -15.02 14.68 -15.68
C GLY C 297 -15.24 16.15 -15.40
N LEU C 298 -15.02 16.57 -14.15
CA LEU C 298 -15.27 17.95 -13.76
C LEU C 298 -14.09 18.85 -14.12
N LEU C 299 -14.40 20.09 -14.51
CA LEU C 299 -13.42 21.10 -14.89
C LEU C 299 -13.29 22.15 -13.80
N PRO C 300 -12.11 22.77 -13.64
CA PRO C 300 -11.91 23.71 -12.53
C PRO C 300 -12.80 24.92 -12.64
N TRP C 301 -13.17 25.47 -11.49
CA TRP C 301 -14.01 26.65 -11.43
C TRP C 301 -13.29 27.87 -12.00
N SER C 302 -14.07 28.82 -12.49
CA SER C 302 -13.54 30.09 -12.96
C SER C 302 -13.49 31.10 -11.81
N LEU C 303 -12.66 32.12 -11.99
CA LEU C 303 -12.55 33.17 -10.98
C LEU C 303 -13.87 33.91 -10.78
N LYS C 304 -14.70 33.98 -11.82
CA LYS C 304 -16.02 34.59 -11.67
C LYS C 304 -16.97 33.70 -10.89
N ARG C 305 -16.82 32.38 -11.01
CA ARG C 305 -17.64 31.47 -10.23
C ARG C 305 -17.20 31.43 -8.77
N ILE C 306 -15.92 31.69 -8.50
CA ILE C 306 -15.44 31.75 -7.13
C ILE C 306 -16.04 32.95 -6.41
N GLU C 307 -16.21 34.07 -7.13
CA GLU C 307 -16.84 35.25 -6.53
C GLU C 307 -18.30 34.99 -6.17
N GLU C 308 -18.97 34.11 -6.90
CA GLU C 308 -20.38 33.81 -6.61
C GLU C 308 -20.53 32.87 -5.43
N ARG C 309 -19.81 31.74 -5.47
CA ARG C 309 -19.95 30.73 -4.42
C ARG C 309 -19.19 31.10 -3.17
N ASP C 310 -17.92 30.71 -3.08
CA ASP C 310 -17.12 30.92 -1.88
C ASP C 310 -16.34 32.22 -2.02
N LYS C 311 -16.89 33.29 -1.44
CA LYS C 311 -16.24 34.59 -1.51
C LYS C 311 -15.00 34.67 -0.63
N GLU C 312 -14.93 33.83 0.41
CA GLU C 312 -13.75 33.80 1.26
C GLU C 312 -12.54 33.26 0.53
N MET C 313 -12.75 32.36 -0.43
CA MET C 313 -11.64 31.80 -1.20
C MET C 313 -11.14 32.76 -2.27
N TYR C 314 -12.01 33.67 -2.75
CA TYR C 314 -11.59 34.64 -3.74
C TYR C 314 -10.57 35.62 -3.16
N ASN C 315 -10.84 36.13 -1.95
CA ASN C 315 -9.89 37.03 -1.31
C ASN C 315 -8.59 36.31 -0.98
N GLU C 316 -8.67 35.02 -0.62
CA GLU C 316 -7.47 34.25 -0.34
C GLU C 316 -6.63 34.07 -1.60
N ILE C 317 -7.27 33.95 -2.76
CA ILE C 317 -6.54 33.78 -4.01
C ILE C 317 -6.00 35.12 -4.50
N ILE C 318 -6.83 36.17 -4.46
CA ILE C 318 -6.42 37.47 -4.97
C ILE C 318 -5.24 38.02 -4.17
N ARG C 319 -5.22 37.75 -2.86
CA ARG C 319 -4.05 38.14 -2.05
C ARG C 319 -2.79 37.46 -2.54
N VAL C 320 -2.90 36.23 -3.05
CA VAL C 320 -1.74 35.57 -3.64
C VAL C 320 -1.46 36.13 -5.04
N LEU C 321 -2.50 36.50 -5.79
CA LEU C 321 -2.29 37.02 -7.13
C LEU C 321 -1.73 38.44 -7.08
N LYS C 322 -2.20 39.26 -6.14
CA LYS C 322 -1.67 40.62 -6.00
C LYS C 322 -0.23 40.63 -5.50
N ASN C 323 0.30 39.48 -5.07
CA ASN C 323 1.68 39.38 -4.62
C ASN C 323 2.67 39.26 -5.78
N SER C 324 2.26 39.59 -6.99
CA SER C 324 3.13 39.51 -8.16
C SER C 324 2.75 40.56 -9.20
ZN ZN D . -5.08 4.59 46.36
#